data_3I0Y
#
_entry.id   3I0Y
#
_cell.length_a   47.627
_cell.length_b   98.776
_cell.length_c   62.053
_cell.angle_alpha   90.000
_cell.angle_beta   110.450
_cell.angle_gamma   90.000
#
_symmetry.space_group_name_H-M   'P 1 21 1'
#
loop_
_entity.id
_entity.type
_entity.pdbx_description
1 polymer 'Putative polyketide cyclase'
2 non-polymer 'CHLORIDE ION'
3 non-polymer DI(HYDROXYETHYL)ETHER
4 non-polymer 'UNKNOWN LIGAND'
5 water water
#
_entity_poly.entity_id   1
_entity_poly.type   'polypeptide(L)'
_entity_poly.pdbx_seq_one_letter_code
;G(MSE)SESNRQRATGLVQAYYEAFNRGDWDA(MSE)LAFLAEDVAHDLNQGPREIGRAAFASFLQR(MSE)NDSYREQL
RDIVVTANDEGTRVGAEYVVHGVYHTTDEGLPDANGQTYVLPGGAFFDVRDGQITRVTNYYNLQEWIAQVSR
;
_entity_poly.pdbx_strand_id   A,B,C,D
#
# COMPACT_ATOMS: atom_id res chain seq x y z
N SER A 3 1.58 -8.77 8.66
CA SER A 3 2.60 -7.84 9.18
C SER A 3 3.19 -7.06 8.02
N GLU A 4 3.68 -7.79 7.02
CA GLU A 4 3.94 -7.19 5.70
C GLU A 4 2.61 -6.62 5.19
N SER A 5 1.55 -7.39 5.38
CA SER A 5 0.27 -6.98 4.89
C SER A 5 -0.30 -5.80 5.73
N ASN A 6 -0.04 -5.76 7.02
CA ASN A 6 -0.43 -4.63 7.88
C ASN A 6 0.25 -3.36 7.37
N ARG A 7 1.54 -3.46 7.10
CA ARG A 7 2.29 -2.34 6.53
C ARG A 7 1.76 -1.89 5.19
N GLN A 8 1.49 -2.83 4.30
CA GLN A 8 0.95 -2.52 2.98
C GLN A 8 -0.40 -1.78 3.12
N ARG A 9 -1.27 -2.32 3.96
CA ARG A 9 -2.57 -1.69 4.22
C ARG A 9 -2.42 -0.21 4.61
N ALA A 10 -1.49 0.05 5.55
CA ALA A 10 -1.32 1.39 6.11
C ALA A 10 -0.67 2.32 5.11
N THR A 11 0.42 1.89 4.48
CA THR A 11 1.06 2.74 3.50
C THR A 11 0.18 2.98 2.27
N GLY A 12 -0.57 1.94 1.85
CA GLY A 12 -1.48 2.11 0.73
C GLY A 12 -2.57 3.13 0.94
N LEU A 13 -3.11 3.15 2.15
CA LEU A 13 -4.16 4.10 2.51
C LEU A 13 -3.59 5.50 2.40
N VAL A 14 -2.46 5.71 3.06
CA VAL A 14 -1.87 7.05 3.10
C VAL A 14 -1.38 7.54 1.75
N GLN A 15 -0.74 6.66 0.98
CA GLN A 15 -0.38 7.00 -0.38
C GLN A 15 -1.65 7.42 -1.19
N ALA A 16 -2.74 6.69 -1.03
CA ALA A 16 -3.97 7.02 -1.80
C ALA A 16 -4.52 8.38 -1.43
N TYR A 17 -4.39 8.71 -0.14
CA TYR A 17 -4.79 9.99 0.38
C TYR A 17 -4.02 11.09 -0.31
N TYR A 18 -2.72 10.94 -0.45
CA TYR A 18 -1.92 11.95 -1.09
C TYR A 18 -2.11 12.00 -2.59
N GLU A 19 -2.30 10.85 -3.20
CA GLU A 19 -2.67 10.89 -4.64
C GLU A 19 -3.96 11.68 -4.89
N ALA A 20 -4.93 11.44 -4.04
CA ALA A 20 -6.16 12.18 -4.04
C ALA A 20 -5.94 13.68 -3.88
N PHE A 21 -5.04 14.06 -2.97
CA PHE A 21 -4.75 15.46 -2.82
C PHE A 21 -4.24 16.07 -4.11
N ASN A 22 -3.31 15.37 -4.75
CA ASN A 22 -2.72 15.90 -6.01
C ASN A 22 -3.77 16.01 -7.13
N ARG A 23 -4.80 15.20 -7.09
CA ARG A 23 -5.87 15.28 -8.07
C ARG A 23 -6.88 16.37 -7.73
N GLY A 24 -6.77 16.94 -6.54
CA GLY A 24 -7.83 17.78 -6.06
C GLY A 24 -9.10 17.04 -5.74
N ASP A 25 -8.97 15.75 -5.44
CA ASP A 25 -10.10 14.87 -5.16
C ASP A 25 -10.41 14.90 -3.68
N TRP A 26 -11.08 15.97 -3.24
CA TRP A 26 -11.33 16.14 -1.81
C TRP A 26 -12.25 15.08 -1.28
N ASP A 27 -13.24 14.64 -2.08
CA ASP A 27 -14.18 13.63 -1.64
C ASP A 27 -13.47 12.32 -1.32
N ALA A 28 -12.50 11.92 -2.15
CA ALA A 28 -11.74 10.74 -1.87
C ALA A 28 -10.95 10.87 -0.57
N LEU A 30 -11.69 12.65 2.01
CA LEU A 30 -12.61 12.55 3.10
C LEU A 30 -13.07 11.11 3.33
N ALA A 31 -13.16 10.33 2.27
CA ALA A 31 -13.57 8.93 2.38
C ALA A 31 -12.58 8.05 3.13
N PHE A 32 -11.32 8.49 3.14
CA PHE A 32 -10.25 7.73 3.77
C PHE A 32 -10.12 8.10 5.23
N LEU A 33 -10.89 9.13 5.66
CA LEU A 33 -10.79 9.59 7.04
C LEU A 33 -11.88 9.01 7.90
N ALA A 34 -11.57 8.64 9.12
CA ALA A 34 -12.61 8.22 10.02
C ALA A 34 -13.46 9.38 10.53
N GLU A 35 -14.64 9.07 11.06
CA GLU A 35 -15.49 10.14 11.55
C GLU A 35 -14.89 10.83 12.77
N ASP A 36 -14.01 10.16 13.49
CA ASP A 36 -13.31 10.68 14.65
C ASP A 36 -11.92 11.25 14.32
N VAL A 37 -11.62 11.57 13.07
CA VAL A 37 -10.30 12.04 12.68
C VAL A 37 -9.86 13.30 13.46
N ALA A 38 -8.61 13.30 13.95
CA ALA A 38 -8.01 14.49 14.54
C ALA A 38 -6.99 15.01 13.55
N HIS A 39 -7.01 16.31 13.30
CA HIS A 39 -6.13 17.00 12.36
C HIS A 39 -5.36 18.02 13.10
N ASP A 40 -4.05 17.81 13.15
CA ASP A 40 -3.17 18.78 13.82
C ASP A 40 -2.54 19.68 12.77
N LEU A 41 -2.94 20.94 12.73
CA LEU A 41 -2.36 21.91 11.82
C LEU A 41 -0.96 22.29 12.29
N ASN A 42 -0.03 22.47 11.35
CA ASN A 42 1.33 22.81 11.69
C ASN A 42 1.39 24.12 12.44
N GLN A 43 2.00 24.04 13.63
CA GLN A 43 2.21 25.16 14.50
C GLN A 43 0.89 25.78 14.90
N GLY A 44 -0.16 24.98 14.86
CA GLY A 44 -1.53 25.49 15.02
C GLY A 44 -2.32 24.54 15.84
N PRO A 45 -3.64 24.70 15.79
CA PRO A 45 -4.54 23.91 16.60
C PRO A 45 -4.89 22.58 16.02
N ARG A 46 -5.50 21.77 16.86
CA ARG A 46 -6.13 20.54 16.45
C ARG A 46 -7.56 20.83 16.03
N GLU A 47 -8.00 20.20 14.96
CA GLU A 47 -9.35 20.23 14.53
C GLU A 47 -9.90 18.82 14.43
N ILE A 48 -11.08 18.56 14.99
CA ILE A 48 -11.65 17.20 15.05
C ILE A 48 -12.85 17.05 14.12
N GLY A 49 -12.84 15.97 13.34
CA GLY A 49 -13.98 15.55 12.55
C GLY A 49 -13.87 15.80 11.08
N ARG A 50 -14.70 15.09 10.31
CA ARG A 50 -14.71 15.22 8.86
C ARG A 50 -15.28 16.57 8.38
N ALA A 51 -16.24 17.14 9.09
CA ALA A 51 -16.76 18.47 8.72
C ALA A 51 -15.68 19.50 8.73
N ALA A 52 -14.90 19.54 9.82
CA ALA A 52 -13.80 20.47 9.92
C ALA A 52 -12.79 20.20 8.85
N PHE A 53 -12.51 18.94 8.54
CA PHE A 53 -11.49 18.62 7.53
C PHE A 53 -11.98 19.07 6.14
N ALA A 54 -13.25 18.88 5.86
CA ALA A 54 -13.83 19.37 4.62
C ALA A 54 -13.70 20.90 4.51
N SER A 55 -14.04 21.63 5.58
CA SER A 55 -13.93 23.08 5.54
C SER A 55 -12.46 23.49 5.44
N PHE A 56 -11.53 22.71 6.03
CA PHE A 56 -10.11 23.04 5.96
C PHE A 56 -9.67 22.93 4.50
N LEU A 57 -10.06 21.86 3.81
CA LEU A 57 -9.67 21.66 2.42
C LEU A 57 -10.25 22.81 1.58
N GLN A 58 -11.48 23.22 1.85
CA GLN A 58 -12.08 24.33 1.13
C GLN A 58 -11.31 25.61 1.39
N ARG A 59 -11.03 25.93 2.66
CA ARG A 59 -10.31 27.18 2.97
C ARG A 59 -8.96 27.21 2.32
N ASN A 61 -7.93 25.54 -0.46
CA ASN A 61 -8.05 25.66 -1.89
C ASN A 61 -8.37 27.08 -2.31
N ASP A 62 -9.02 27.83 -1.40
CA ASP A 62 -9.37 29.20 -1.70
C ASP A 62 -8.15 30.12 -1.78
N SER A 63 -7.03 29.73 -1.17
CA SER A 63 -5.85 30.61 -1.10
C SER A 63 -4.61 30.01 -1.74
N TYR A 64 -4.51 28.69 -1.74
CA TYR A 64 -3.29 28.04 -2.19
C TYR A 64 -3.56 26.95 -3.20
N ARG A 65 -2.63 26.77 -4.10
N ARG A 65 -2.67 26.77 -4.16
CA ARG A 65 -2.64 25.71 -5.08
CA ARG A 65 -2.71 25.62 -5.02
C ARG A 65 -1.37 24.92 -4.76
C ARG A 65 -1.39 24.87 -4.89
N GLU A 66 -1.48 23.60 -4.54
CA GLU A 66 -0.28 22.81 -4.22
C GLU A 66 -0.25 21.49 -4.92
N GLN A 67 0.97 21.03 -5.23
CA GLN A 67 1.27 19.69 -5.66
C GLN A 67 2.35 19.11 -4.78
N LEU A 68 2.18 17.85 -4.39
CA LEU A 68 3.17 17.14 -3.62
C LEU A 68 4.00 16.23 -4.49
N ARG A 69 5.30 16.34 -4.35
CA ARG A 69 6.20 15.49 -5.10
C ARG A 69 7.12 14.73 -4.14
N ASP A 70 7.84 13.72 -4.65
CA ASP A 70 8.82 12.97 -3.86
C ASP A 70 8.16 12.42 -2.59
N ILE A 71 6.94 11.90 -2.77
CA ILE A 71 6.18 11.35 -1.64
C ILE A 71 6.76 10.02 -1.19
N VAL A 72 7.15 9.92 0.07
CA VAL A 72 7.69 8.70 0.63
C VAL A 72 6.89 8.37 1.87
N VAL A 73 6.29 7.21 1.91
CA VAL A 73 5.46 6.77 2.96
C VAL A 73 6.06 5.56 3.68
N THR A 74 6.06 5.63 5.02
CA THR A 74 6.63 4.58 5.87
C THR A 74 5.65 4.17 6.94
N ALA A 75 5.73 2.93 7.37
CA ALA A 75 4.84 2.38 8.36
C ALA A 75 5.59 1.54 9.39
N ASN A 76 4.94 1.39 10.54
CA ASN A 76 5.42 0.41 11.56
C ASN A 76 4.87 -0.98 11.18
N ASP A 77 5.43 -2.06 11.75
CA ASP A 77 4.98 -3.43 11.40
C ASP A 77 3.55 -3.73 11.80
N GLU A 78 3.06 -3.06 12.83
CA GLU A 78 1.72 -3.21 13.27
C GLU A 78 0.74 -2.57 12.26
N GLY A 79 1.21 -1.67 11.40
CA GLY A 79 0.31 -0.99 10.45
C GLY A 79 -0.63 -0.01 11.08
N THR A 80 -0.24 0.52 12.25
CA THR A 80 -1.08 1.45 12.96
C THR A 80 -0.54 2.88 12.90
N ARG A 81 0.73 3.06 12.51
CA ARG A 81 1.37 4.40 12.48
C ARG A 81 2.07 4.53 11.15
N VAL A 82 1.92 5.70 10.49
CA VAL A 82 2.53 5.94 9.23
C VAL A 82 3.22 7.32 9.29
N GLY A 83 4.37 7.42 8.68
CA GLY A 83 5.03 8.67 8.48
C GLY A 83 5.13 8.94 7.00
N ALA A 84 5.02 10.19 6.62
CA ALA A 84 5.19 10.54 5.24
C ALA A 84 5.97 11.82 5.08
N GLU A 85 6.78 11.88 4.04
CA GLU A 85 7.49 13.09 3.65
C GLU A 85 7.22 13.39 2.19
N TYR A 86 7.38 14.66 1.82
CA TYR A 86 7.11 15.09 0.48
C TYR A 86 7.77 16.46 0.32
N VAL A 87 7.79 16.95 -0.90
CA VAL A 87 8.11 18.35 -1.21
C VAL A 87 6.84 19.00 -1.76
N VAL A 88 6.38 20.08 -1.17
N VAL A 88 6.51 20.16 -1.23
CA VAL A 88 5.26 20.79 -1.74
CA VAL A 88 5.35 20.93 -1.62
C VAL A 88 5.82 21.84 -2.70
C VAL A 88 5.71 22.02 -2.62
N HIS A 89 5.11 21.94 -3.81
CA HIS A 89 5.30 22.99 -4.82
C HIS A 89 3.96 23.73 -4.86
N GLY A 90 3.95 24.99 -4.47
CA GLY A 90 2.71 25.72 -4.27
C GLY A 90 2.75 27.14 -4.82
N VAL A 91 1.57 27.72 -4.86
CA VAL A 91 1.33 29.10 -5.26
C VAL A 91 0.29 29.67 -4.30
N TYR A 92 0.62 30.84 -3.76
CA TYR A 92 -0.26 31.62 -2.90
C TYR A 92 -1.00 32.65 -3.76
N HIS A 93 -2.25 32.37 -4.07
CA HIS A 93 -3.01 33.16 -5.06
C HIS A 93 -4.11 34.06 -4.47
N THR A 94 -4.63 33.76 -3.29
CA THR A 94 -5.65 34.61 -2.66
C THR A 94 -5.33 34.75 -1.17
N THR A 95 -5.27 35.98 -0.69
CA THR A 95 -4.79 36.28 0.65
C THR A 95 -5.49 35.47 1.73
N ASP A 96 -4.72 35.07 2.74
CA ASP A 96 -5.22 34.16 3.77
C ASP A 96 -5.16 34.85 5.13
N GLU A 97 -6.21 34.62 5.92
CA GLU A 97 -6.41 35.28 7.20
C GLU A 97 -5.12 35.30 8.01
N GLY A 98 -4.50 36.48 8.12
CA GLY A 98 -3.33 36.69 8.98
C GLY A 98 -1.95 36.60 8.34
N LEU A 99 -1.90 36.49 7.00
CA LEU A 99 -0.63 36.39 6.27
C LEU A 99 -0.41 37.61 5.36
N PRO A 100 0.79 37.73 4.75
CA PRO A 100 1.01 38.78 3.76
C PRO A 100 -0.03 38.71 2.65
N ASP A 101 -0.15 39.78 1.87
CA ASP A 101 -1.10 39.78 0.75
C ASP A 101 -0.68 38.71 -0.25
N ALA A 102 -1.66 38.01 -0.82
CA ALA A 102 -1.38 37.03 -1.88
C ALA A 102 -1.21 37.78 -3.20
N ASN A 103 -0.22 37.37 -3.98
CA ASN A 103 0.00 37.91 -5.30
C ASN A 103 0.53 36.85 -6.28
N GLY A 104 0.33 35.58 -5.99
CA GLY A 104 0.86 34.54 -6.87
C GLY A 104 2.25 34.07 -6.50
N GLN A 105 2.69 34.31 -5.26
CA GLN A 105 4.02 33.91 -4.86
C GLN A 105 4.13 32.38 -4.85
N THR A 106 5.26 31.91 -5.34
CA THR A 106 5.56 30.47 -5.38
C THR A 106 6.37 30.07 -4.16
N TYR A 107 6.23 28.78 -3.80
CA TYR A 107 7.01 28.21 -2.76
C TYR A 107 7.29 26.76 -3.02
N VAL A 108 8.46 26.29 -2.59
CA VAL A 108 8.87 24.92 -2.72
C VAL A 108 9.60 24.56 -1.43
N LEU A 109 9.06 23.61 -0.66
CA LEU A 109 9.72 23.23 0.57
C LEU A 109 9.24 21.86 1.00
N PRO A 110 10.09 21.16 1.79
CA PRO A 110 9.66 19.90 2.35
C PRO A 110 8.56 20.01 3.39
N GLY A 111 7.82 18.92 3.54
CA GLY A 111 6.90 18.76 4.60
C GLY A 111 6.84 17.32 5.01
N GLY A 112 6.16 17.05 6.10
CA GLY A 112 6.02 15.69 6.58
C GLY A 112 4.74 15.56 7.36
N ALA A 113 4.28 14.33 7.57
CA ALA A 113 3.13 14.10 8.42
C ALA A 113 3.20 12.76 9.06
N PHE A 114 2.49 12.65 10.17
CA PHE A 114 2.31 11.36 10.83
C PHE A 114 0.84 11.08 10.92
N PHE A 115 0.49 9.80 10.86
CA PHE A 115 -0.89 9.34 10.82
C PHE A 115 -1.12 8.18 11.77
N ASP A 116 -2.31 8.11 12.36
CA ASP A 116 -2.80 6.91 12.99
C ASP A 116 -3.73 6.27 12.01
N VAL A 117 -3.63 4.94 11.87
CA VAL A 117 -4.49 4.15 10.98
C VAL A 117 -5.15 3.08 11.86
N ARG A 118 -6.48 2.96 11.70
CA ARG A 118 -7.27 2.01 12.47
C ARG A 118 -8.21 1.34 11.49
N ASP A 119 -7.98 0.04 11.23
CA ASP A 119 -8.88 -0.76 10.42
C ASP A 119 -9.14 -0.08 9.06
N GLY A 120 -8.08 0.46 8.48
CA GLY A 120 -8.19 0.96 7.13
C GLY A 120 -8.77 2.35 6.97
N GLN A 121 -8.82 3.07 8.10
CA GLN A 121 -9.16 4.50 8.09
C GLN A 121 -8.12 5.33 8.79
N ILE A 122 -7.92 6.54 8.25
CA ILE A 122 -7.05 7.50 8.91
C ILE A 122 -7.76 8.15 10.09
N THR A 123 -7.20 8.05 11.29
CA THR A 123 -7.85 8.64 12.46
C THR A 123 -7.09 9.84 13.00
N ARG A 124 -5.91 10.10 12.44
CA ARG A 124 -5.14 11.30 12.78
C ARG A 124 -4.26 11.67 11.63
N VAL A 125 -4.21 12.97 11.34
CA VAL A 125 -3.28 13.59 10.38
C VAL A 125 -2.57 14.68 11.14
N THR A 126 -1.28 14.54 11.43
CA THR A 126 -0.45 15.55 12.13
C THR A 126 0.57 16.06 11.11
N ASN A 127 0.36 17.27 10.61
N ASN A 127 0.36 17.30 10.70
CA ASN A 127 1.18 17.84 9.54
CA ASN A 127 1.15 17.97 9.67
C ASN A 127 2.21 18.87 10.03
C ASN A 127 2.31 18.80 10.21
N TYR A 128 3.42 18.74 9.49
CA TYR A 128 4.56 19.53 9.89
C TYR A 128 5.25 20.11 8.67
N TYR A 129 5.80 21.28 8.82
CA TYR A 129 6.73 21.89 7.88
C TYR A 129 7.37 23.06 8.58
N ASN A 130 8.38 23.64 7.93
CA ASN A 130 9.07 24.82 8.48
C ASN A 130 8.29 26.05 8.08
N LEU A 131 7.45 26.53 9.00
CA LEU A 131 6.61 27.67 8.76
C LEU A 131 7.43 28.93 8.57
N GLN A 132 8.48 29.09 9.34
CA GLN A 132 9.35 30.24 9.14
C GLN A 132 9.91 30.28 7.74
N GLU A 133 10.38 29.17 7.23
CA GLU A 133 10.84 29.10 5.84
C GLU A 133 9.73 29.42 4.86
N TRP A 134 8.54 28.88 5.07
CA TRP A 134 7.41 29.17 4.18
C TRP A 134 7.11 30.67 4.16
N ILE A 135 7.01 31.27 5.34
CA ILE A 135 6.74 32.73 5.42
C ILE A 135 7.86 33.50 4.72
N ALA A 136 9.10 33.04 4.84
CA ALA A 136 10.22 33.75 4.20
C ALA A 136 10.09 33.66 2.68
N GLN A 137 9.72 32.51 2.14
CA GLN A 137 9.52 32.35 0.72
C GLN A 137 8.37 33.21 0.23
N VAL A 138 7.22 33.15 0.86
CA VAL A 138 6.09 33.94 0.33
C VAL A 138 6.30 35.43 0.50
N SER A 139 7.25 35.82 1.36
CA SER A 139 7.52 37.24 1.62
C SER A 139 8.73 37.76 0.86
N ARG A 140 9.37 36.94 0.03
CA ARG A 140 10.66 37.31 -0.57
C ARG A 140 10.57 38.39 -1.64
N SER B 5 15.50 -7.10 6.29
CA SER B 5 16.95 -6.95 6.59
C SER B 5 17.24 -5.47 6.68
N ASN B 6 17.06 -4.79 5.55
CA ASN B 6 17.50 -3.40 5.45
C ASN B 6 16.59 -2.54 6.31
N ARG B 7 15.31 -2.87 6.32
CA ARG B 7 14.35 -2.15 7.15
C ARG B 7 14.70 -2.30 8.66
N GLN B 8 15.12 -3.50 9.09
N GLN B 8 14.88 -3.52 9.15
CA GLN B 8 15.57 -3.72 10.48
CA GLN B 8 15.05 -3.73 10.57
C GLN B 8 16.86 -2.97 10.79
C GLN B 8 16.34 -3.07 11.04
N ARG B 9 17.81 -3.00 9.87
N ARG B 9 17.32 -3.03 10.15
CA ARG B 9 19.07 -2.32 10.11
CA ARG B 9 18.61 -2.41 10.41
C ARG B 9 18.84 -0.80 10.21
C ARG B 9 18.52 -0.87 10.44
N ALA B 10 17.88 -0.29 9.42
CA ALA B 10 17.57 1.14 9.45
C ALA B 10 16.82 1.58 10.71
N THR B 11 15.77 0.86 11.08
CA THR B 11 15.04 1.21 12.29
C THR B 11 15.94 1.00 13.54
N GLY B 12 16.81 -0.02 13.50
CA GLY B 12 17.70 -0.28 14.63
C GLY B 12 18.65 0.86 14.86
N LEU B 13 19.12 1.42 13.75
CA LEU B 13 20.06 2.55 13.79
C LEU B 13 19.41 3.75 14.46
N VAL B 14 18.19 4.06 14.04
CA VAL B 14 17.47 5.19 14.57
C VAL B 14 17.12 4.96 16.03
N GLN B 15 16.70 3.74 16.37
CA GLN B 15 16.47 3.46 17.78
C GLN B 15 17.73 3.68 18.65
N ALA B 16 18.88 3.23 18.15
CA ALA B 16 20.15 3.40 18.90
C ALA B 16 20.50 4.88 19.01
N TYR B 17 20.26 5.65 17.95
CA TYR B 17 20.45 7.10 17.97
C TYR B 17 19.64 7.71 19.11
N TYR B 18 18.37 7.32 19.23
CA TYR B 18 17.49 7.88 20.28
C TYR B 18 17.87 7.36 21.69
N GLU B 19 18.33 6.13 21.81
N GLU B 19 18.30 6.10 21.78
CA GLU B 19 18.75 5.65 23.11
CA GLU B 19 18.76 5.57 23.06
C GLU B 19 19.95 6.49 23.55
C GLU B 19 19.97 6.37 23.54
N ALA B 20 20.87 6.73 22.62
CA ALA B 20 22.04 7.58 22.94
C ALA B 20 21.61 8.96 23.39
N PHE B 21 20.64 9.56 22.67
CA PHE B 21 20.06 10.85 23.08
C PHE B 21 19.51 10.80 24.46
N ASN B 22 18.74 9.75 24.73
CA ASN B 22 18.10 9.67 26.04
C ASN B 22 19.07 9.47 27.20
N ARG B 23 20.25 8.93 26.91
N ARG B 23 20.18 8.79 26.97
CA ARG B 23 21.30 8.78 27.94
CA ARG B 23 21.21 8.73 28.04
C ARG B 23 22.14 10.03 28.09
C ARG B 23 22.27 9.86 27.96
N GLY B 24 22.08 10.89 27.11
CA GLY B 24 22.98 12.05 27.04
C GLY B 24 24.35 11.71 26.47
N ASP B 25 24.43 10.66 25.67
CA ASP B 25 25.66 10.15 25.10
C ASP B 25 25.87 10.76 23.73
N TRP B 26 26.27 12.01 23.70
CA TRP B 26 26.33 12.77 22.44
C TRP B 26 27.36 12.14 21.49
N ASP B 27 28.48 11.65 22.03
CA ASP B 27 29.49 11.03 21.18
C ASP B 27 28.88 9.87 20.43
N ALA B 28 28.12 9.03 21.14
CA ALA B 28 27.48 7.88 20.51
C ALA B 28 26.48 8.27 19.45
N LEU B 30 26.59 11.00 17.63
CA LEU B 30 27.34 11.54 16.53
C LEU B 30 27.95 10.44 15.68
N ALA B 31 28.28 9.29 16.30
CA ALA B 31 28.93 8.21 15.57
C ALA B 31 28.01 7.59 14.51
N PHE B 32 26.70 7.80 14.67
CA PHE B 32 25.74 7.23 13.75
C PHE B 32 25.55 8.10 12.51
N LEU B 33 26.11 9.31 12.56
CA LEU B 33 25.90 10.31 11.52
C LEU B 33 27.03 10.39 10.52
N ALA B 34 26.63 10.60 9.27
CA ALA B 34 27.59 10.90 8.21
C ALA B 34 28.33 12.20 8.51
N GLU B 35 29.57 12.27 8.01
CA GLU B 35 30.42 13.45 8.17
C GLU B 35 29.71 14.72 7.71
N ASP B 36 28.94 14.63 6.64
CA ASP B 36 28.23 15.78 6.07
C ASP B 36 26.73 15.69 6.31
N VAL B 37 26.37 15.08 7.43
CA VAL B 37 24.97 14.95 7.80
C VAL B 37 24.24 16.30 7.68
N ALA B 38 23.04 16.27 7.10
CA ALA B 38 22.18 17.44 7.03
C ALA B 38 21.18 17.39 8.20
N HIS B 39 21.08 18.48 8.97
CA HIS B 39 20.27 18.56 10.18
C HIS B 39 19.35 19.74 9.98
N ASP B 40 18.05 19.48 9.84
CA ASP B 40 17.07 20.56 9.66
C ASP B 40 16.50 20.84 11.05
N LEU B 41 16.85 21.97 11.62
CA LEU B 41 16.31 22.40 12.88
C LEU B 41 14.86 22.79 12.74
N ASN B 42 14.05 22.48 13.73
CA ASN B 42 12.66 22.81 13.66
C ASN B 42 12.43 24.32 13.59
N GLN B 43 11.74 24.78 12.58
CA GLN B 43 11.47 26.19 12.35
C GLN B 43 12.75 26.97 12.23
N GLY B 44 13.79 26.29 11.77
CA GLY B 44 15.14 26.86 11.75
C GLY B 44 15.92 26.47 10.53
N PRO B 45 17.25 26.68 10.57
CA PRO B 45 18.06 26.39 9.40
C PRO B 45 18.45 24.96 9.22
N ARG B 46 18.91 24.64 8.02
CA ARG B 46 19.69 23.47 7.75
C ARG B 46 21.16 23.66 8.13
N GLU B 47 21.71 22.74 8.90
CA GLU B 47 23.10 22.78 9.34
C GLU B 47 23.76 21.53 8.89
N ILE B 48 24.93 21.66 8.27
CA ILE B 48 25.65 20.57 7.70
C ILE B 48 26.82 20.17 8.58
N GLY B 49 26.85 18.89 8.90
CA GLY B 49 28.01 18.24 9.49
C GLY B 49 27.93 17.88 10.95
N ARG B 50 28.82 16.98 11.37
CA ARG B 50 28.84 16.52 12.76
C ARG B 50 29.21 17.61 13.77
N ALA B 51 30.11 18.54 13.37
CA ALA B 51 30.52 19.58 14.27
C ALA B 51 29.32 20.46 14.66
N ALA B 52 28.57 20.89 13.66
CA ALA B 52 27.36 21.65 13.96
C ALA B 52 26.40 20.86 14.85
N PHE B 53 26.26 19.57 14.54
CA PHE B 53 25.33 18.75 15.29
C PHE B 53 25.76 18.66 16.76
N ALA B 54 27.03 18.44 17.00
CA ALA B 54 27.57 18.42 18.35
C ALA B 54 27.34 19.73 19.07
N SER B 55 27.59 20.84 18.36
CA SER B 55 27.30 22.14 18.93
C SER B 55 25.84 22.36 19.31
N PHE B 56 24.95 21.92 18.42
CA PHE B 56 23.54 21.97 18.68
C PHE B 56 23.22 21.25 20.00
N LEU B 57 23.71 20.04 20.16
CA LEU B 57 23.37 19.22 21.35
C LEU B 57 23.91 19.87 22.60
N GLN B 58 25.12 20.41 22.50
CA GLN B 58 25.73 21.06 23.65
C GLN B 58 24.94 22.30 24.06
N ARG B 59 24.57 23.08 23.05
N ARG B 59 24.65 23.17 23.09
CA ARG B 59 23.76 24.28 23.23
CA ARG B 59 23.97 24.43 23.42
C ARG B 59 22.38 23.95 23.83
C ARG B 59 22.56 24.15 23.99
N ASN B 61 21.64 21.47 25.73
CA ASN B 61 21.83 20.99 27.09
C ASN B 61 22.27 22.01 28.09
N ASP B 62 22.79 23.13 27.58
CA ASP B 62 23.04 24.28 28.45
C ASP B 62 21.80 24.90 29.09
N SER B 63 20.64 24.73 28.47
CA SER B 63 19.41 25.29 29.01
C SER B 63 18.29 24.31 29.33
N TYR B 64 18.28 23.17 28.63
CA TYR B 64 17.18 22.20 28.71
C TYR B 64 17.75 20.85 28.98
N ARG B 65 16.93 19.97 29.52
CA ARG B 65 17.27 18.57 29.53
C ARG B 65 16.00 17.77 29.28
N GLU B 66 16.10 16.85 28.32
CA GLU B 66 14.90 16.17 27.83
C GLU B 66 15.16 14.68 27.65
N GLN B 67 14.06 13.98 27.49
CA GLN B 67 14.08 12.61 27.04
C GLN B 67 12.92 12.45 26.07
N LEU B 68 13.01 11.41 25.24
CA LEU B 68 11.97 11.09 24.29
C LEU B 68 11.39 9.73 24.68
N ARG B 69 10.07 9.76 24.98
CA ARG B 69 9.27 8.61 25.34
C ARG B 69 8.35 8.20 24.21
N ASP B 70 7.86 6.96 24.28
CA ASP B 70 6.86 6.48 23.34
C ASP B 70 7.27 6.67 21.88
N ILE B 71 8.51 6.27 21.59
CA ILE B 71 9.10 6.45 20.25
C ILE B 71 8.53 5.33 19.36
N VAL B 72 7.94 5.72 18.25
CA VAL B 72 7.34 4.79 17.30
C VAL B 72 8.09 5.05 15.99
N VAL B 73 8.85 4.07 15.54
CA VAL B 73 9.66 4.17 14.39
C VAL B 73 9.05 3.48 13.18
N THR B 74 9.13 4.13 12.02
CA THR B 74 8.49 3.62 10.78
C THR B 74 9.58 3.64 9.75
N ALA B 75 9.51 2.75 8.75
CA ALA B 75 10.52 2.73 7.70
C ALA B 75 9.94 2.27 6.40
N ASN B 76 10.70 2.54 5.35
CA ASN B 76 10.41 1.86 4.07
C ASN B 76 11.17 0.53 3.94
N ASP B 77 10.82 -0.32 2.95
CA ASP B 77 11.44 -1.68 2.78
C ASP B 77 12.92 -1.65 2.42
N GLU B 78 13.32 -0.59 1.74
CA GLU B 78 14.70 -0.38 1.37
C GLU B 78 15.55 -0.10 2.59
N GLY B 79 14.91 0.37 3.65
CA GLY B 79 15.65 0.79 4.82
C GLY B 79 16.45 2.05 4.56
N THR B 80 15.89 2.95 3.72
CA THR B 80 16.59 4.17 3.36
C THR B 80 15.86 5.41 3.94
N ARG B 81 14.61 5.25 4.38
CA ARG B 81 13.86 6.37 4.94
C ARG B 81 13.22 5.87 6.20
N VAL B 82 13.40 6.63 7.28
CA VAL B 82 12.83 6.29 8.57
C VAL B 82 12.10 7.51 9.14
N GLY B 83 10.92 7.27 9.66
CA GLY B 83 10.20 8.25 10.47
C GLY B 83 10.17 7.83 11.94
N ALA B 84 10.18 8.80 12.86
CA ALA B 84 10.05 8.51 14.26
C ALA B 84 9.10 9.54 14.86
N GLU B 85 8.09 9.10 15.61
CA GLU B 85 7.26 10.03 16.36
C GLU B 85 7.48 9.73 17.81
N TYR B 86 7.36 10.75 18.64
N TYR B 86 7.37 10.73 18.66
CA TYR B 86 7.81 10.69 20.01
CA TYR B 86 7.67 10.53 20.07
C TYR B 86 7.09 11.69 20.87
C TYR B 86 7.04 11.62 20.89
N VAL B 87 7.26 11.54 22.19
CA VAL B 87 6.79 12.54 23.16
C VAL B 87 7.99 13.03 23.93
N VAL B 88 8.30 14.31 23.79
N VAL B 88 8.20 14.34 23.88
CA VAL B 88 9.42 14.88 24.55
CA VAL B 88 9.33 15.02 24.52
C VAL B 88 8.95 15.35 25.91
C VAL B 88 8.89 15.32 25.94
N HIS B 89 9.70 14.93 26.93
CA HIS B 89 9.53 15.36 28.33
C HIS B 89 10.80 16.09 28.72
N GLY B 90 10.65 17.30 29.23
CA GLY B 90 11.86 18.06 29.58
C GLY B 90 11.70 19.10 30.65
N VAL B 91 12.83 19.67 31.04
CA VAL B 91 12.87 20.75 32.01
C VAL B 91 13.69 21.86 31.38
N TYR B 92 13.23 23.08 31.62
CA TYR B 92 13.95 24.28 31.25
C TYR B 92 14.68 24.68 32.55
N HIS B 93 16.01 24.50 32.59
CA HIS B 93 16.74 24.59 33.88
C HIS B 93 17.65 25.79 34.05
N THR B 94 18.08 26.39 32.95
CA THR B 94 19.07 27.47 33.01
C THR B 94 18.63 28.44 31.98
N THR B 95 18.39 29.68 32.40
CA THR B 95 17.71 30.67 31.57
C THR B 95 18.27 30.72 30.15
N ASP B 96 17.40 30.80 29.16
CA ASP B 96 17.82 30.91 27.76
C ASP B 96 17.34 32.23 27.15
N GLU B 97 17.97 32.61 26.04
CA GLU B 97 17.59 33.79 25.25
C GLU B 97 16.15 33.70 24.74
N GLY B 98 15.45 34.82 24.79
CA GLY B 98 14.06 34.89 24.34
C GLY B 98 13.18 33.94 25.13
N LEU B 99 13.30 33.98 26.45
CA LEU B 99 12.43 33.21 27.33
C LEU B 99 12.48 33.75 28.75
N PRO B 100 11.41 33.56 29.52
CA PRO B 100 11.51 33.91 30.93
C PRO B 100 12.62 33.19 31.67
N ASP B 101 12.92 33.66 32.86
CA ASP B 101 13.95 33.04 33.70
C ASP B 101 13.60 31.57 33.92
N ALA B 102 14.58 30.69 33.81
CA ALA B 102 14.38 29.27 34.10
C ALA B 102 14.01 29.03 35.56
N ASN B 103 13.15 28.05 35.78
CA ASN B 103 12.56 27.78 37.06
C ASN B 103 12.37 26.31 37.34
N GLY B 104 12.87 25.44 36.47
CA GLY B 104 12.49 24.05 36.53
C GLY B 104 11.14 23.81 35.88
N GLN B 105 10.77 24.72 34.98
CA GLN B 105 9.55 24.53 34.21
C GLN B 105 9.65 23.24 33.40
N THR B 106 8.57 22.46 33.45
CA THR B 106 8.48 21.21 32.77
C THR B 106 7.63 21.36 31.52
N TYR B 107 7.97 20.58 30.53
CA TYR B 107 7.20 20.51 29.30
C TYR B 107 7.05 19.07 28.84
N VAL B 108 5.92 18.82 28.18
CA VAL B 108 5.61 17.55 27.55
C VAL B 108 4.85 17.87 26.27
N LEU B 109 5.33 17.38 25.15
CA LEU B 109 4.67 17.61 23.86
C LEU B 109 5.19 16.64 22.83
N PRO B 110 4.36 16.36 21.84
CA PRO B 110 4.81 15.45 20.81
C PRO B 110 5.78 16.10 19.83
N GLY B 111 6.51 15.24 19.13
CA GLY B 111 7.36 15.69 18.05
C GLY B 111 7.54 14.55 17.11
N GLY B 112 8.31 14.79 16.06
CA GLY B 112 8.63 13.70 15.16
C GLY B 112 9.77 14.09 14.30
N ALA B 113 10.43 13.10 13.70
CA ALA B 113 11.56 13.36 12.84
C ALA B 113 11.64 12.38 11.71
N PHE B 114 12.32 12.79 10.66
CA PHE B 114 12.55 11.92 9.55
C PHE B 114 14.03 11.84 9.27
N PHE B 115 14.43 10.67 8.78
CA PHE B 115 15.82 10.35 8.59
C PHE B 115 16.08 9.76 7.23
N ASP B 116 17.17 10.17 6.58
CA ASP B 116 17.73 9.43 5.45
C ASP B 116 18.82 8.51 5.99
N VAL B 117 18.77 7.20 5.62
CA VAL B 117 19.79 6.24 6.02
C VAL B 117 20.43 5.70 4.78
N ARG B 118 21.73 5.94 4.64
CA ARG B 118 22.43 5.63 3.39
C ARG B 118 23.79 5.15 3.75
N ASP B 119 24.25 4.08 3.10
CA ASP B 119 25.65 3.59 3.22
C ASP B 119 26.01 3.37 4.69
N GLY B 120 25.03 2.81 5.40
CA GLY B 120 25.20 2.43 6.81
C GLY B 120 25.12 3.48 7.89
N GLN B 121 24.70 4.70 7.52
N GLN B 121 24.79 4.73 7.56
CA GLN B 121 24.70 5.85 8.42
CA GLN B 121 24.72 5.80 8.56
C GLN B 121 23.54 6.82 8.16
C GLN B 121 23.46 6.62 8.32
N ILE B 122 23.23 7.62 9.18
CA ILE B 122 22.19 8.65 9.05
C ILE B 122 22.80 9.82 8.28
N THR B 123 22.21 10.19 7.13
CA THR B 123 22.71 11.30 6.34
C THR B 123 21.86 12.59 6.43
N ARG B 124 20.70 12.48 7.07
CA ARG B 124 19.81 13.59 7.32
C ARG B 124 18.95 13.28 8.53
N VAL B 125 18.78 14.34 9.37
CA VAL B 125 17.84 14.39 10.49
C VAL B 125 17.00 15.63 10.32
N THR B 126 15.70 15.47 10.09
CA THR B 126 14.76 16.60 9.92
C THR B 126 13.74 16.53 11.06
N ASN B 127 13.82 17.48 11.98
CA ASN B 127 13.02 17.48 13.21
C ASN B 127 11.84 18.41 13.21
N TYR B 128 10.75 17.95 13.80
CA TYR B 128 9.54 18.72 13.84
C TYR B 128 8.86 18.67 15.21
N TYR B 129 8.22 19.76 15.60
CA TYR B 129 7.31 19.84 16.72
C TYR B 129 6.62 21.17 16.64
N ASN B 130 5.61 21.35 17.49
CA ASN B 130 4.88 22.58 17.55
C ASN B 130 5.58 23.54 18.44
N LEU B 131 6.34 24.45 17.83
CA LEU B 131 7.11 25.39 18.60
C LEU B 131 6.21 26.36 19.38
N GLN B 132 5.03 26.66 18.81
CA GLN B 132 4.08 27.59 19.49
C GLN B 132 3.62 26.97 20.80
N GLU B 133 3.33 25.68 20.78
CA GLU B 133 2.98 24.92 21.98
C GLU B 133 4.14 24.89 22.97
N TRP B 134 5.37 24.66 22.49
CA TRP B 134 6.49 24.55 23.35
C TRP B 134 6.72 25.88 24.10
N ILE B 135 6.70 26.97 23.33
N ILE B 135 6.66 26.98 23.36
CA ILE B 135 6.79 28.34 23.86
CA ILE B 135 6.87 28.28 23.97
C ILE B 135 5.78 28.52 24.99
C ILE B 135 5.76 28.54 25.01
N ALA B 136 4.53 28.16 24.69
CA ALA B 136 3.42 28.39 25.61
C ALA B 136 3.70 27.65 26.92
N GLN B 137 4.20 26.42 26.86
CA GLN B 137 4.51 25.64 28.08
C GLN B 137 5.66 26.14 28.91
N VAL B 138 6.81 26.45 28.29
CA VAL B 138 7.99 26.91 29.04
C VAL B 138 7.81 28.37 29.49
N SER B 139 6.72 28.95 29.01
CA SER B 139 6.26 30.29 29.25
C SER B 139 7.08 31.25 28.44
N GLU C 4 11.55 -1.03 -6.07
CA GLU C 4 10.82 -1.63 -4.92
C GLU C 4 9.65 -0.72 -4.51
N SER C 5 9.82 0.60 -4.68
CA SER C 5 8.76 1.56 -4.36
C SER C 5 7.57 1.48 -5.36
N ASN C 6 7.82 1.24 -6.63
CA ASN C 6 6.68 1.12 -7.55
C ASN C 6 5.83 -0.08 -7.18
N ARG C 7 6.52 -1.17 -7.00
CA ARG C 7 5.87 -2.42 -6.74
C ARG C 7 5.14 -2.35 -5.42
N GLN C 8 5.72 -1.69 -4.42
CA GLN C 8 5.13 -1.55 -3.11
C GLN C 8 3.94 -0.53 -3.06
N ARG C 9 4.01 0.53 -3.85
CA ARG C 9 2.86 1.42 -4.03
C ARG C 9 1.66 0.64 -4.59
N ALA C 10 1.91 -0.19 -5.58
CA ALA C 10 0.83 -0.95 -6.22
C ALA C 10 0.25 -2.00 -5.28
N THR C 11 1.09 -2.74 -4.58
CA THR C 11 0.60 -3.75 -3.64
C THR C 11 -0.17 -3.06 -2.51
N GLY C 12 0.34 -1.94 -2.01
CA GLY C 12 -0.33 -1.26 -0.92
C GLY C 12 -1.73 -0.75 -1.30
N LEU C 13 -1.87 -0.22 -2.51
CA LEU C 13 -3.13 0.24 -3.00
C LEU C 13 -4.18 -0.86 -2.96
N VAL C 14 -3.81 -2.02 -3.45
CA VAL C 14 -4.73 -3.14 -3.54
C VAL C 14 -4.99 -3.65 -2.16
N GLN C 15 -4.00 -3.67 -1.29
CA GLN C 15 -4.29 -4.13 0.08
C GLN C 15 -5.27 -3.18 0.80
N ALA C 16 -5.13 -1.89 0.59
CA ALA C 16 -6.02 -0.92 1.20
C ALA C 16 -7.44 -1.10 0.70
N TYR C 17 -7.53 -1.34 -0.61
CA TYR C 17 -8.80 -1.61 -1.25
C TYR C 17 -9.52 -2.81 -0.60
N TYR C 18 -8.81 -3.90 -0.34
CA TYR C 18 -9.43 -5.06 0.27
C TYR C 18 -9.75 -4.84 1.75
N GLU C 19 -8.94 -4.04 2.44
N GLU C 19 -8.94 -4.05 2.46
CA GLU C 19 -9.32 -3.74 3.83
CA GLU C 19 -9.31 -3.70 3.85
C GLU C 19 -10.63 -2.93 3.87
C GLU C 19 -10.64 -2.93 3.88
N ALA C 20 -10.84 -1.98 2.97
CA ALA C 20 -12.10 -1.26 2.87
C ALA C 20 -13.27 -2.22 2.60
N PHE C 21 -13.07 -3.17 1.68
CA PHE C 21 -14.02 -4.28 1.49
C PHE C 21 -14.39 -4.98 2.78
N ASN C 22 -13.40 -5.38 3.54
CA ASN C 22 -13.61 -6.13 4.78
C ASN C 22 -14.33 -5.29 5.82
N ARG C 23 -14.16 -3.99 5.75
CA ARG C 23 -14.83 -3.10 6.71
C ARG C 23 -16.25 -2.69 6.23
N GLY C 24 -16.64 -3.12 5.03
CA GLY C 24 -17.87 -2.68 4.42
C GLY C 24 -17.89 -1.22 4.08
N ASP C 25 -16.70 -0.64 3.88
CA ASP C 25 -16.59 0.77 3.58
C ASP C 25 -16.64 0.97 2.06
N TRP C 26 -17.81 0.90 1.49
CA TRP C 26 -17.90 0.94 0.05
C TRP C 26 -17.43 2.30 -0.52
N ASP C 27 -17.68 3.40 0.18
CA ASP C 27 -17.19 4.72 -0.22
C ASP C 27 -15.67 4.76 -0.35
N ALA C 28 -14.97 4.18 0.62
CA ALA C 28 -13.53 4.16 0.55
C ALA C 28 -13.07 3.28 -0.62
N LEU C 30 -14.55 2.66 -3.43
CA LEU C 30 -14.77 3.41 -4.65
C LEU C 30 -13.75 4.52 -4.84
N ALA C 31 -13.27 5.11 -3.74
CA ALA C 31 -12.31 6.17 -3.80
C ALA C 31 -10.95 5.71 -4.32
N PHE C 32 -10.66 4.43 -4.22
CA PHE C 32 -9.41 3.89 -4.77
C PHE C 32 -9.44 3.70 -6.30
N LEU C 33 -10.64 3.66 -6.85
CA LEU C 33 -10.88 3.39 -8.28
C LEU C 33 -10.87 4.63 -9.12
N ALA C 34 -10.26 4.54 -10.31
CA ALA C 34 -10.34 5.54 -11.32
C ALA C 34 -11.72 5.60 -11.95
N GLU C 35 -12.07 6.73 -12.53
CA GLU C 35 -13.38 6.91 -13.14
C GLU C 35 -13.57 6.00 -14.39
N ASP C 36 -12.47 5.58 -14.99
CA ASP C 36 -12.50 4.63 -16.11
C ASP C 36 -12.39 3.21 -15.71
N VAL C 37 -12.65 2.87 -14.43
CA VAL C 37 -12.42 1.50 -13.99
C VAL C 37 -13.24 0.46 -14.76
N ALA C 38 -12.58 -0.62 -15.14
CA ALA C 38 -13.23 -1.75 -15.73
C ALA C 38 -13.29 -2.90 -14.72
N HIS C 39 -14.46 -3.53 -14.60
CA HIS C 39 -14.74 -4.53 -13.58
C HIS C 39 -15.18 -5.79 -14.31
N ASP C 40 -14.34 -6.81 -14.30
CA ASP C 40 -14.74 -8.11 -14.88
C ASP C 40 -15.28 -9.03 -13.84
N LEU C 41 -16.57 -9.28 -13.92
CA LEU C 41 -17.26 -10.12 -12.98
C LEU C 41 -16.94 -11.57 -13.26
N ASN C 42 -16.78 -12.36 -12.22
CA ASN C 42 -16.42 -13.75 -12.42
C ASN C 42 -17.48 -14.50 -13.19
N GLN C 43 -17.08 -15.15 -14.28
CA GLN C 43 -17.97 -15.90 -15.15
C GLN C 43 -19.08 -15.01 -15.67
N GLY C 44 -18.87 -13.71 -15.73
CA GLY C 44 -19.92 -12.76 -16.06
C GLY C 44 -19.37 -11.69 -16.96
N PRO C 45 -20.06 -10.57 -17.03
CA PRO C 45 -19.69 -9.51 -17.93
C PRO C 45 -18.64 -8.58 -17.40
N ARG C 46 -18.19 -7.68 -18.26
CA ARG C 46 -17.43 -6.51 -17.86
C ARG C 46 -18.42 -5.38 -17.58
N GLU C 47 -18.18 -4.62 -16.54
CA GLU C 47 -18.95 -3.42 -16.26
C GLU C 47 -17.95 -2.27 -16.15
N ILE C 48 -18.20 -1.16 -16.84
CA ILE C 48 -17.26 -0.03 -16.86
C ILE C 48 -17.80 1.14 -16.04
N GLY C 49 -16.95 1.67 -15.14
CA GLY C 49 -17.29 2.87 -14.41
C GLY C 49 -17.60 2.64 -12.94
N ARG C 50 -17.48 3.71 -12.16
CA ARG C 50 -17.75 3.65 -10.74
C ARG C 50 -19.24 3.59 -10.39
N ALA C 51 -20.12 4.10 -11.24
CA ALA C 51 -21.54 3.97 -10.94
C ALA C 51 -21.87 2.50 -10.90
N ALA C 52 -21.43 1.75 -11.92
CA ALA C 52 -21.69 0.31 -11.95
C ALA C 52 -21.09 -0.40 -10.78
N PHE C 53 -19.86 -0.03 -10.44
CA PHE C 53 -19.17 -0.70 -9.36
C PHE C 53 -19.92 -0.45 -8.06
N ALA C 54 -20.41 0.75 -7.87
CA ALA C 54 -21.18 1.06 -6.65
C ALA C 54 -22.42 0.18 -6.59
N SER C 55 -23.14 0.06 -7.68
N SER C 55 -23.12 0.06 -7.73
CA SER C 55 -24.32 -0.76 -7.65
CA SER C 55 -24.33 -0.78 -7.88
C SER C 55 -23.93 -2.19 -7.31
C SER C 55 -24.07 -2.23 -7.60
N PHE C 56 -22.88 -2.69 -7.97
CA PHE C 56 -22.47 -4.06 -7.78
C PHE C 56 -22.27 -4.33 -6.31
N LEU C 57 -21.58 -3.44 -5.61
CA LEU C 57 -21.30 -3.64 -4.19
C LEU C 57 -22.62 -3.69 -3.39
N GLN C 58 -23.58 -2.87 -3.79
CA GLN C 58 -24.97 -2.91 -3.25
C GLN C 58 -25.74 -4.18 -3.60
N ARG C 59 -25.73 -4.61 -4.86
CA ARG C 59 -26.42 -5.83 -5.22
C ARG C 59 -25.85 -7.01 -4.42
N ASN C 61 -24.09 -6.95 -1.41
CA ASN C 61 -24.42 -6.79 0.01
C ASN C 61 -25.91 -7.12 0.30
N ASP C 62 -26.74 -7.20 -0.74
CA ASP C 62 -28.15 -7.62 -0.60
C ASP C 62 -28.26 -9.13 -0.33
N SER C 63 -27.38 -9.94 -0.92
CA SER C 63 -27.41 -11.43 -0.81
C SER C 63 -26.32 -12.05 0.06
N TYR C 64 -25.22 -11.33 0.30
CA TYR C 64 -24.00 -11.94 0.87
C TYR C 64 -23.25 -11.07 1.87
N ARG C 65 -22.72 -11.68 2.93
CA ARG C 65 -21.82 -11.05 3.86
C ARG C 65 -20.49 -11.83 3.85
N GLU C 66 -19.39 -11.13 3.55
CA GLU C 66 -18.10 -11.77 3.28
C GLU C 66 -16.96 -11.07 3.94
N GLN C 67 -16.01 -11.90 4.37
CA GLN C 67 -14.70 -11.46 4.84
C GLN C 67 -13.62 -12.17 4.03
N LEU C 68 -12.66 -11.39 3.54
CA LEU C 68 -11.50 -11.92 2.83
C LEU C 68 -10.37 -12.08 3.78
N ARG C 69 -9.82 -13.29 3.80
CA ARG C 69 -8.71 -13.66 4.68
C ARG C 69 -7.53 -14.12 3.86
N ASP C 70 -6.39 -14.24 4.51
CA ASP C 70 -5.16 -14.70 3.88
C ASP C 70 -4.91 -14.00 2.54
N ILE C 71 -5.02 -12.68 2.53
CA ILE C 71 -4.86 -11.89 1.29
C ILE C 71 -3.38 -11.68 0.97
N VAL C 72 -2.95 -12.21 -0.16
CA VAL C 72 -1.59 -12.08 -0.65
C VAL C 72 -1.59 -11.29 -1.93
N VAL C 73 -0.86 -10.17 -1.96
CA VAL C 73 -0.88 -9.21 -3.01
C VAL C 73 0.53 -9.10 -3.59
N THR C 74 0.65 -9.25 -4.91
CA THR C 74 1.94 -9.26 -5.60
C THR C 74 1.90 -8.31 -6.78
N ALA C 75 3.02 -7.65 -7.17
CA ALA C 75 2.95 -6.72 -8.26
C ALA C 75 4.22 -6.78 -9.13
N ASN C 76 4.12 -6.21 -10.32
CA ASN C 76 5.29 -6.10 -11.22
C ASN C 76 6.19 -4.93 -10.78
N ASP C 77 7.44 -4.98 -11.24
CA ASP C 77 8.39 -3.95 -10.85
C ASP C 77 7.98 -2.56 -11.28
N GLU C 78 7.19 -2.48 -12.34
CA GLU C 78 6.74 -1.23 -12.84
C GLU C 78 5.60 -0.63 -11.95
N GLY C 79 5.03 -1.46 -11.10
CA GLY C 79 3.84 -1.06 -10.29
C GLY C 79 2.57 -0.79 -11.01
N THR C 80 2.34 -1.48 -12.13
CA THR C 80 1.20 -1.22 -13.01
C THR C 80 0.20 -2.39 -13.08
N ARG C 81 0.68 -3.54 -12.57
CA ARG C 81 -0.05 -4.81 -12.61
C ARG C 81 0.07 -5.51 -11.26
N VAL C 82 -1.08 -5.91 -10.71
CA VAL C 82 -1.16 -6.53 -9.42
C VAL C 82 -2.01 -7.81 -9.47
N GLY C 83 -1.57 -8.82 -8.74
CA GLY C 83 -2.34 -10.05 -8.54
C GLY C 83 -2.68 -10.15 -7.07
N ALA C 84 -3.88 -10.63 -6.72
CA ALA C 84 -4.22 -10.89 -5.32
C ALA C 84 -4.90 -12.21 -5.17
N GLU C 85 -4.54 -12.96 -4.17
CA GLU C 85 -5.24 -14.19 -3.85
C GLU C 85 -5.77 -14.07 -2.46
N TYR C 86 -6.92 -14.69 -2.21
CA TYR C 86 -7.52 -14.62 -0.88
C TYR C 86 -8.42 -15.86 -0.67
N VAL C 87 -8.93 -15.98 0.53
CA VAL C 87 -9.95 -16.97 0.88
C VAL C 87 -11.17 -16.19 1.40
N VAL C 88 -12.33 -16.41 0.78
CA VAL C 88 -13.54 -15.72 1.20
C VAL C 88 -14.26 -16.63 2.23
N HIS C 89 -14.63 -16.04 3.34
CA HIS C 89 -15.49 -16.68 4.35
C HIS C 89 -16.76 -15.86 4.32
N GLY C 90 -17.86 -16.55 4.01
CA GLY C 90 -19.10 -15.82 3.75
C GLY C 90 -20.33 -16.50 4.23
N VAL C 91 -21.43 -15.75 4.13
N VAL C 91 -21.39 -15.70 4.34
CA VAL C 91 -22.78 -16.21 4.40
CA VAL C 91 -22.71 -16.15 4.69
C VAL C 91 -23.71 -15.81 3.24
C VAL C 91 -23.71 -15.52 3.71
N TYR C 92 -24.64 -16.69 2.92
CA TYR C 92 -25.57 -16.51 1.81
C TYR C 92 -26.87 -16.32 2.59
N HIS C 93 -27.29 -15.06 2.72
CA HIS C 93 -28.44 -14.73 3.59
C HIS C 93 -29.67 -14.29 2.81
N THR C 94 -29.52 -14.06 1.50
CA THR C 94 -30.68 -13.73 0.67
C THR C 94 -30.54 -14.28 -0.72
N THR C 95 -31.66 -14.86 -1.16
CA THR C 95 -31.73 -15.64 -2.37
C THR C 95 -31.34 -14.73 -3.54
N ASP C 96 -30.56 -15.24 -4.49
CA ASP C 96 -29.99 -14.38 -5.53
C ASP C 96 -30.75 -14.55 -6.86
N GLU C 97 -30.22 -15.31 -7.81
CA GLU C 97 -30.87 -15.42 -9.12
C GLU C 97 -30.61 -16.76 -9.78
N GLY C 98 -31.43 -17.76 -9.47
CA GLY C 98 -31.25 -19.09 -10.08
C GLY C 98 -29.92 -19.74 -9.67
N LEU C 99 -29.35 -19.22 -8.59
CA LEU C 99 -28.38 -19.94 -7.82
C LEU C 99 -29.26 -20.67 -6.80
N PRO C 100 -28.67 -21.61 -6.03
CA PRO C 100 -29.49 -22.35 -5.06
C PRO C 100 -30.25 -21.42 -4.12
N ASP C 101 -31.33 -21.90 -3.52
CA ASP C 101 -32.06 -21.07 -2.58
C ASP C 101 -31.17 -20.80 -1.37
N ALA C 102 -31.25 -19.57 -0.86
CA ALA C 102 -30.40 -19.13 0.26
C ALA C 102 -31.18 -19.27 1.57
N ASN C 103 -30.44 -19.46 2.67
CA ASN C 103 -31.03 -19.60 4.03
C ASN C 103 -30.06 -19.45 5.22
N GLY C 104 -28.90 -18.81 5.03
CA GLY C 104 -27.90 -18.69 6.10
C GLY C 104 -26.66 -19.56 5.93
N GLN C 105 -26.55 -20.18 4.77
CA GLN C 105 -25.47 -21.10 4.47
C GLN C 105 -24.16 -20.34 4.48
N THR C 106 -23.14 -20.99 5.00
CA THR C 106 -21.82 -20.45 5.02
C THR C 106 -21.09 -21.02 3.81
N TYR C 107 -20.00 -20.33 3.43
CA TYR C 107 -19.07 -20.87 2.44
C TYR C 107 -17.65 -20.38 2.71
N VAL C 108 -16.68 -21.20 2.28
CA VAL C 108 -15.26 -20.84 2.34
C VAL C 108 -14.67 -21.22 1.03
N LEU C 109 -14.19 -20.20 0.28
CA LEU C 109 -13.82 -20.40 -1.11
C LEU C 109 -12.56 -19.56 -1.42
N PRO C 110 -11.51 -20.17 -2.02
CA PRO C 110 -10.49 -19.28 -2.56
C PRO C 110 -10.97 -18.43 -3.68
N GLY C 111 -10.32 -17.30 -3.87
CA GLY C 111 -10.54 -16.48 -5.06
C GLY C 111 -9.28 -15.74 -5.38
N GLY C 112 -9.31 -15.03 -6.49
CA GLY C 112 -8.24 -14.13 -6.79
C GLY C 112 -8.64 -13.08 -7.76
N ALA C 113 -7.81 -12.05 -7.88
CA ALA C 113 -8.11 -10.99 -8.78
C ALA C 113 -6.84 -10.38 -9.33
N PHE C 114 -6.96 -9.78 -10.50
CA PHE C 114 -5.89 -9.03 -11.14
C PHE C 114 -6.33 -7.63 -11.37
N PHE C 115 -5.37 -6.71 -11.30
CA PHE C 115 -5.62 -5.29 -11.34
C PHE C 115 -4.65 -4.57 -12.27
N ASP C 116 -5.09 -3.49 -12.88
CA ASP C 116 -4.22 -2.49 -13.44
C ASP C 116 -4.22 -1.30 -12.46
N VAL C 117 -3.02 -0.68 -12.31
CA VAL C 117 -2.84 0.47 -11.47
C VAL C 117 -2.17 1.58 -12.34
N ARG C 118 -2.75 2.77 -12.31
CA ARG C 118 -2.25 3.92 -13.10
C ARG C 118 -2.43 5.13 -12.27
N ASP C 119 -1.36 5.91 -12.13
CA ASP C 119 -1.38 7.16 -11.38
C ASP C 119 -2.03 6.99 -10.02
N GLY C 120 -1.64 5.94 -9.31
CA GLY C 120 -2.09 5.72 -7.95
C GLY C 120 -3.55 5.35 -7.76
N GLN C 121 -4.19 4.94 -8.85
CA GLN C 121 -5.59 4.45 -8.84
C GLN C 121 -5.71 3.07 -9.49
N ILE C 122 -6.74 2.30 -9.05
CA ILE C 122 -7.07 1.03 -9.71
C ILE C 122 -7.92 1.32 -10.93
N THR C 123 -7.52 0.83 -12.09
CA THR C 123 -8.26 1.10 -13.31
C THR C 123 -8.87 -0.19 -13.88
N ARG C 124 -8.60 -1.30 -13.23
CA ARG C 124 -9.24 -2.60 -13.62
C ARG C 124 -9.23 -3.52 -12.43
N VAL C 125 -10.34 -4.24 -12.23
CA VAL C 125 -10.49 -5.30 -11.26
C VAL C 125 -11.08 -6.48 -11.99
N THR C 126 -10.30 -7.55 -12.13
CA THR C 126 -10.75 -8.77 -12.83
C THR C 126 -10.78 -9.90 -11.80
N ASN C 127 -11.98 -10.36 -11.42
CA ASN C 127 -12.16 -11.31 -10.35
C ASN C 127 -12.43 -12.68 -10.84
N TYR C 128 -11.89 -13.64 -10.11
CA TYR C 128 -12.02 -15.03 -10.41
C TYR C 128 -12.26 -15.84 -9.16
N TYR C 129 -13.07 -16.88 -9.32
CA TYR C 129 -13.26 -17.94 -8.32
C TYR C 129 -13.98 -19.10 -8.95
N ASN C 130 -14.01 -20.23 -8.27
CA ASN C 130 -14.68 -21.44 -8.75
C ASN C 130 -16.17 -21.36 -8.39
N LEU C 131 -16.97 -20.91 -9.35
CA LEU C 131 -18.42 -20.75 -9.14
C LEU C 131 -19.09 -22.09 -8.95
N GLN C 132 -18.62 -23.16 -9.60
CA GLN C 132 -19.23 -24.51 -9.37
C GLN C 132 -19.03 -24.96 -7.95
N GLU C 133 -17.86 -24.73 -7.40
CA GLU C 133 -17.58 -25.13 -6.02
C GLU C 133 -18.44 -24.31 -5.07
N TRP C 134 -18.60 -23.02 -5.33
CA TRP C 134 -19.41 -22.15 -4.51
C TRP C 134 -20.84 -22.66 -4.51
N ILE C 135 -21.37 -23.01 -5.69
CA ILE C 135 -22.72 -23.55 -5.75
C ILE C 135 -22.85 -24.85 -4.96
N ALA C 136 -21.88 -25.71 -5.10
CA ALA C 136 -21.87 -26.99 -4.37
C ALA C 136 -21.88 -26.72 -2.85
N GLN C 137 -21.12 -25.75 -2.39
CA GLN C 137 -21.16 -25.47 -0.98
C GLN C 137 -22.48 -24.97 -0.47
N VAL C 138 -23.06 -23.99 -1.16
CA VAL C 138 -24.30 -23.37 -0.66
C VAL C 138 -25.54 -24.18 -1.00
N SER C 139 -25.37 -25.26 -1.75
CA SER C 139 -26.45 -26.23 -1.94
C SER C 139 -26.37 -27.27 -0.84
N SER D 5 16.79 -12.73 -3.43
CA SER D 5 16.34 -13.00 -4.83
C SER D 5 15.26 -14.06 -4.82
N ASN D 6 14.63 -14.29 -3.68
CA ASN D 6 13.51 -15.24 -3.69
C ASN D 6 12.39 -14.85 -4.65
N ARG D 7 12.09 -13.56 -4.77
CA ARG D 7 11.07 -13.12 -5.69
C ARG D 7 11.48 -13.42 -7.14
N GLN D 8 12.71 -13.06 -7.55
CA GLN D 8 13.27 -13.34 -8.89
C GLN D 8 13.24 -14.84 -9.22
N ARG D 9 13.65 -15.64 -8.25
N ARG D 9 13.60 -15.66 -8.24
N ARG D 9 13.62 -15.65 -8.23
CA ARG D 9 13.64 -17.07 -8.45
CA ARG D 9 13.63 -17.10 -8.47
CA ARG D 9 13.66 -17.12 -8.37
C ARG D 9 12.24 -17.60 -8.67
C ARG D 9 12.25 -17.72 -8.58
C ARG D 9 12.29 -17.80 -8.43
N ALA D 10 11.28 -17.19 -7.82
CA ALA D 10 9.91 -17.72 -7.92
C ALA D 10 9.31 -17.33 -9.27
N THR D 11 9.53 -16.09 -9.66
CA THR D 11 8.99 -15.62 -10.93
C THR D 11 9.70 -16.37 -12.07
N GLY D 12 11.01 -16.58 -11.95
CA GLY D 12 11.75 -17.35 -12.97
C GLY D 12 11.25 -18.78 -13.11
N LEU D 13 10.92 -19.43 -12.01
CA LEU D 13 10.38 -20.77 -12.05
C LEU D 13 9.06 -20.81 -12.83
N VAL D 14 8.13 -19.90 -12.51
CA VAL D 14 6.87 -19.96 -13.16
C VAL D 14 7.01 -19.51 -14.62
N GLN D 15 7.89 -18.56 -14.96
CA GLN D 15 8.10 -18.23 -16.35
C GLN D 15 8.61 -19.47 -17.13
N ALA D 16 9.50 -20.23 -16.52
CA ALA D 16 10.04 -21.44 -17.19
C ALA D 16 8.96 -22.49 -17.36
N TYR D 17 8.05 -22.56 -16.37
CA TYR D 17 6.87 -23.47 -16.47
C TYR D 17 6.02 -23.11 -17.66
N TYR D 18 5.76 -21.82 -17.88
CA TYR D 18 4.97 -21.38 -18.98
C TYR D 18 5.73 -21.50 -20.32
N GLU D 19 7.03 -21.27 -20.32
CA GLU D 19 7.83 -21.47 -21.56
C GLU D 19 7.70 -22.92 -22.01
N ALA D 20 7.73 -23.84 -21.04
CA ALA D 20 7.60 -25.30 -21.32
C ALA D 20 6.19 -25.59 -21.84
N PHE D 21 5.19 -25.03 -21.18
CA PHE D 21 3.82 -25.16 -21.66
C PHE D 21 3.66 -24.70 -23.09
N ASN D 22 4.18 -23.50 -23.40
CA ASN D 22 4.01 -22.89 -24.68
C ASN D 22 4.74 -23.71 -25.77
N ARG D 23 5.80 -24.39 -25.39
CA ARG D 23 6.53 -25.30 -26.31
C ARG D 23 5.93 -26.68 -26.43
N GLY D 24 4.98 -26.98 -25.57
CA GLY D 24 4.42 -28.31 -25.54
C GLY D 24 5.39 -29.34 -24.96
N ASP D 25 6.30 -28.88 -24.10
CA ASP D 25 7.28 -29.71 -23.44
C ASP D 25 6.70 -30.17 -22.09
N TRP D 26 5.77 -31.11 -22.21
CA TRP D 26 5.04 -31.57 -21.06
C TRP D 26 5.97 -32.17 -20.01
N ASP D 27 6.99 -32.95 -20.43
CA ASP D 27 7.87 -33.51 -19.46
C ASP D 27 8.57 -32.46 -18.64
N ALA D 28 9.06 -31.40 -19.29
CA ALA D 28 9.79 -30.38 -18.54
C ALA D 28 8.82 -29.60 -17.60
N LEU D 30 5.98 -30.69 -16.25
CA LEU D 30 5.68 -31.54 -15.11
C LEU D 30 6.84 -31.67 -14.11
N ALA D 31 8.09 -31.55 -14.57
CA ALA D 31 9.20 -31.69 -13.67
C ALA D 31 9.40 -30.52 -12.73
N PHE D 32 8.80 -29.36 -13.06
CA PHE D 32 8.85 -28.23 -12.17
C PHE D 32 7.83 -28.37 -11.01
N LEU D 33 6.95 -29.36 -11.12
CA LEU D 33 5.89 -29.59 -10.14
C LEU D 33 6.34 -30.60 -9.12
N ALA D 34 5.98 -30.38 -7.87
CA ALA D 34 6.12 -31.40 -6.84
C ALA D 34 5.34 -32.68 -7.22
N GLU D 35 5.80 -33.82 -6.71
CA GLU D 35 5.10 -35.08 -6.95
C GLU D 35 3.64 -35.01 -6.46
N ASP D 36 3.41 -34.24 -5.41
CA ASP D 36 2.07 -34.13 -4.82
C ASP D 36 1.44 -32.78 -5.14
N VAL D 37 1.74 -32.25 -6.34
CA VAL D 37 1.23 -30.96 -6.74
C VAL D 37 -0.29 -30.95 -6.66
N ALA D 38 -0.85 -29.85 -6.15
CA ALA D 38 -2.29 -29.65 -6.18
C ALA D 38 -2.64 -28.79 -7.39
N HIS D 39 -3.51 -29.31 -8.23
CA HIS D 39 -3.94 -28.60 -9.46
C HIS D 39 -5.42 -28.33 -9.32
N ASP D 40 -5.78 -27.03 -9.22
CA ASP D 40 -7.20 -26.60 -9.18
C ASP D 40 -7.64 -26.26 -10.59
N LEU D 41 -8.48 -27.10 -11.15
CA LEU D 41 -8.93 -26.95 -12.50
C LEU D 41 -9.97 -25.83 -12.48
N ASN D 42 -10.01 -24.99 -13.50
CA ASN D 42 -10.96 -23.89 -13.54
C ASN D 42 -12.38 -24.44 -13.60
N GLN D 43 -13.20 -24.01 -12.64
CA GLN D 43 -14.60 -24.41 -12.50
C GLN D 43 -14.71 -25.92 -12.33
N GLY D 44 -13.65 -26.52 -11.78
CA GLY D 44 -13.49 -27.98 -11.73
C GLY D 44 -12.92 -28.42 -10.41
N PRO D 45 -12.55 -29.70 -10.32
CA PRO D 45 -11.99 -30.28 -9.13
C PRO D 45 -10.58 -29.90 -8.84
N ARG D 46 -10.11 -30.20 -7.63
CA ARG D 46 -8.68 -30.26 -7.33
C ARG D 46 -8.21 -31.68 -7.65
N GLU D 47 -7.13 -31.77 -8.40
CA GLU D 47 -6.49 -33.06 -8.73
C GLU D 47 -5.07 -33.05 -8.15
N ILE D 48 -4.62 -34.18 -7.56
CA ILE D 48 -3.31 -34.18 -6.91
C ILE D 48 -2.36 -35.06 -7.71
N GLY D 49 -1.16 -34.53 -7.92
CA GLY D 49 -0.07 -35.34 -8.42
C GLY D 49 0.28 -35.06 -9.89
N ARG D 50 1.52 -35.40 -10.26
CA ARG D 50 1.94 -35.29 -11.65
C ARG D 50 1.23 -36.18 -12.63
N ALA D 51 0.88 -37.41 -12.23
CA ALA D 51 0.24 -38.31 -13.17
C ALA D 51 -1.07 -37.72 -13.63
N ALA D 52 -1.86 -37.22 -12.68
CA ALA D 52 -3.16 -36.59 -12.97
C ALA D 52 -2.92 -35.37 -13.88
N PHE D 53 -1.89 -34.63 -13.56
CA PHE D 53 -1.59 -33.44 -14.36
C PHE D 53 -1.25 -33.83 -15.80
N ALA D 54 -0.45 -34.89 -15.94
CA ALA D 54 -0.16 -35.42 -17.29
C ALA D 54 -1.39 -35.85 -18.05
N SER D 55 -2.33 -36.50 -17.37
N SER D 55 -2.33 -36.52 -17.38
CA SER D 55 -3.57 -36.91 -17.99
CA SER D 55 -3.56 -36.93 -18.05
C SER D 55 -4.41 -35.72 -18.38
C SER D 55 -4.41 -35.72 -18.39
N PHE D 56 -4.39 -34.69 -17.53
CA PHE D 56 -5.09 -33.45 -17.82
C PHE D 56 -4.55 -32.84 -19.14
N LEU D 57 -3.23 -32.78 -19.24
CA LEU D 57 -2.60 -32.22 -20.43
C LEU D 57 -2.91 -33.05 -21.67
N GLN D 58 -2.96 -34.37 -21.51
N GLN D 58 -2.96 -34.37 -21.51
CA GLN D 58 -3.34 -35.27 -22.62
CA GLN D 58 -3.31 -35.23 -22.63
C GLN D 58 -4.72 -34.92 -23.11
C GLN D 58 -4.72 -34.97 -23.11
N ARG D 59 -5.67 -34.87 -22.18
CA ARG D 59 -7.05 -34.62 -22.53
C ARG D 59 -7.18 -33.28 -23.23
N ASN D 61 -4.95 -31.59 -24.89
CA ASN D 61 -4.30 -31.58 -26.19
C ASN D 61 -4.97 -32.43 -27.26
N ASP D 62 -5.81 -33.33 -26.82
CA ASP D 62 -6.58 -34.12 -27.73
C ASP D 62 -7.57 -33.29 -28.52
N SER D 63 -8.08 -32.20 -27.92
CA SER D 63 -9.07 -31.34 -28.55
C SER D 63 -8.64 -29.93 -28.85
N TYR D 64 -7.69 -29.40 -28.06
CA TYR D 64 -7.27 -27.98 -28.11
C TYR D 64 -5.76 -27.88 -28.24
N ARG D 65 -5.32 -26.72 -28.71
CA ARG D 65 -3.92 -26.36 -28.60
C ARG D 65 -3.82 -24.91 -28.43
N GLU D 66 -3.00 -24.53 -27.47
CA GLU D 66 -2.98 -23.15 -27.04
C GLU D 66 -1.59 -22.65 -26.61
N GLN D 67 -1.51 -21.34 -26.56
CA GLN D 67 -0.31 -20.67 -26.02
C GLN D 67 -0.78 -19.54 -25.15
N LEU D 68 0.06 -19.16 -24.22
CA LEU D 68 -0.21 -18.06 -23.30
C LEU D 68 0.71 -16.91 -23.66
N ARG D 69 0.12 -15.79 -24.06
CA ARG D 69 0.90 -14.61 -24.43
C ARG D 69 0.74 -13.53 -23.37
N ASP D 70 1.61 -12.52 -23.48
CA ASP D 70 1.55 -11.34 -22.64
C ASP D 70 1.52 -11.74 -21.15
N ILE D 71 2.38 -12.65 -20.74
CA ILE D 71 2.39 -13.22 -19.42
C ILE D 71 3.06 -12.23 -18.44
N VAL D 72 2.30 -11.79 -17.44
CA VAL D 72 2.82 -10.94 -16.36
C VAL D 72 2.90 -11.76 -15.08
N VAL D 73 4.12 -12.04 -14.65
CA VAL D 73 4.36 -12.93 -13.54
C VAL D 73 4.84 -12.09 -12.37
N THR D 74 4.18 -12.23 -11.23
CA THR D 74 4.51 -11.43 -10.03
C THR D 74 4.60 -12.33 -8.83
N ALA D 75 5.37 -11.94 -7.79
CA ALA D 75 5.59 -12.79 -6.64
C ALA D 75 5.83 -11.98 -5.37
N ASN D 76 5.62 -12.64 -4.23
CA ASN D 76 5.91 -12.03 -2.95
C ASN D 76 7.42 -12.05 -2.66
N ASP D 77 7.84 -11.26 -1.66
CA ASP D 77 9.25 -11.10 -1.36
C ASP D 77 9.84 -12.43 -0.89
N GLU D 78 9.03 -13.27 -0.27
CA GLU D 78 9.50 -14.56 0.22
C GLU D 78 9.70 -15.56 -0.90
N GLY D 79 9.16 -15.29 -2.08
CA GLY D 79 9.25 -16.23 -3.18
C GLY D 79 8.44 -17.48 -2.99
N THR D 80 7.29 -17.38 -2.33
CA THR D 80 6.49 -18.55 -2.02
C THR D 80 5.12 -18.50 -2.73
N ARG D 81 4.75 -17.33 -3.22
CA ARG D 81 3.43 -17.16 -3.84
C ARG D 81 3.64 -16.38 -5.11
N VAL D 82 3.08 -16.89 -6.22
CA VAL D 82 3.25 -16.26 -7.51
C VAL D 82 1.86 -16.13 -8.14
N GLY D 83 1.64 -14.97 -8.75
CA GLY D 83 0.51 -14.78 -9.67
C GLY D 83 0.96 -14.64 -11.08
N ALA D 84 0.13 -15.02 -12.04
CA ALA D 84 0.43 -14.82 -13.46
C ALA D 84 -0.85 -14.50 -14.18
N GLU D 85 -0.83 -13.42 -14.95
CA GLU D 85 -1.91 -13.06 -15.83
C GLU D 85 -1.45 -13.19 -17.23
N TYR D 86 -2.30 -13.80 -18.07
N TYR D 86 -2.32 -13.57 -18.16
CA TYR D 86 -1.99 -14.16 -19.46
CA TYR D 86 -1.94 -13.77 -19.55
C TYR D 86 -3.16 -13.86 -20.42
C TYR D 86 -3.17 -13.83 -20.43
N VAL D 87 -2.90 -13.89 -21.72
CA VAL D 87 -3.92 -13.97 -22.72
C VAL D 87 -3.75 -15.33 -23.42
N VAL D 88 -4.78 -16.17 -23.32
CA VAL D 88 -4.81 -17.47 -24.00
C VAL D 88 -5.24 -17.32 -25.44
N HIS D 89 -4.40 -17.86 -26.34
CA HIS D 89 -4.68 -17.96 -27.76
C HIS D 89 -4.61 -19.46 -28.14
N GLY D 90 -5.75 -19.95 -28.59
CA GLY D 90 -5.80 -21.35 -28.99
C GLY D 90 -6.76 -21.70 -30.09
N VAL D 91 -6.70 -22.98 -30.45
N VAL D 91 -6.77 -22.98 -30.42
CA VAL D 91 -7.56 -23.57 -31.47
CA VAL D 91 -7.66 -23.48 -31.47
C VAL D 91 -8.35 -24.73 -30.87
C VAL D 91 -8.33 -24.76 -30.97
N TYR D 92 -9.61 -24.85 -31.31
CA TYR D 92 -10.45 -26.04 -31.03
C TYR D 92 -10.33 -26.88 -32.30
N HIS D 93 -9.45 -27.86 -32.28
CA HIS D 93 -9.10 -28.64 -33.43
C HIS D 93 -9.78 -29.98 -33.59
N THR D 94 -10.21 -30.59 -32.50
CA THR D 94 -10.81 -31.92 -32.59
C THR D 94 -11.97 -31.95 -31.61
N THR D 95 -13.11 -32.46 -32.05
CA THR D 95 -14.37 -32.29 -31.33
C THR D 95 -14.25 -32.87 -29.93
N ASP D 96 -14.82 -32.13 -28.98
CA ASP D 96 -14.85 -32.55 -27.57
C ASP D 96 -16.25 -32.78 -27.09
N GLU D 97 -16.35 -33.50 -25.99
CA GLU D 97 -17.64 -33.76 -25.39
C GLU D 97 -18.35 -32.48 -24.98
N GLY D 98 -19.63 -32.40 -25.26
CA GLY D 98 -20.48 -31.34 -24.73
C GLY D 98 -20.44 -30.04 -25.49
N LEU D 99 -19.72 -30.00 -26.60
CA LEU D 99 -19.56 -28.81 -27.42
C LEU D 99 -19.95 -29.09 -28.89
N PRO D 100 -20.22 -28.06 -29.70
CA PRO D 100 -20.36 -28.24 -31.14
C PRO D 100 -19.08 -28.86 -31.72
N ASP D 101 -19.19 -29.38 -32.91
CA ASP D 101 -18.10 -30.02 -33.58
C ASP D 101 -16.94 -29.02 -33.80
N ALA D 102 -15.73 -29.52 -33.72
CA ALA D 102 -14.55 -28.66 -33.97
C ALA D 102 -14.44 -28.42 -35.47
N ASN D 103 -14.03 -27.23 -35.90
N ASN D 103 -14.09 -27.17 -35.79
CA ASN D 103 -13.61 -27.05 -37.29
CA ASN D 103 -13.90 -26.71 -37.13
C ASN D 103 -12.53 -26.00 -37.39
C ASN D 103 -12.79 -25.66 -37.11
N GLY D 104 -11.72 -25.94 -36.35
CA GLY D 104 -10.62 -24.98 -36.26
C GLY D 104 -10.93 -23.62 -35.72
N GLN D 105 -11.96 -23.52 -34.91
CA GLN D 105 -12.36 -22.27 -34.27
C GLN D 105 -11.20 -21.78 -33.39
N THR D 106 -10.91 -20.48 -33.46
CA THR D 106 -9.89 -19.90 -32.61
C THR D 106 -10.52 -19.19 -31.40
N TYR D 107 -9.80 -19.16 -30.30
CA TYR D 107 -10.22 -18.44 -29.11
C TYR D 107 -9.04 -17.61 -28.55
N VAL D 108 -9.42 -16.44 -28.04
CA VAL D 108 -8.51 -15.52 -27.42
C VAL D 108 -9.21 -14.91 -26.24
N LEU D 109 -8.68 -15.09 -25.04
CA LEU D 109 -9.32 -14.54 -23.84
C LEU D 109 -8.29 -14.48 -22.75
N PRO D 110 -8.51 -13.56 -21.82
CA PRO D 110 -7.64 -13.53 -20.67
C PRO D 110 -7.80 -14.69 -19.73
N GLY D 111 -6.77 -14.93 -18.95
CA GLY D 111 -6.83 -15.86 -17.82
C GLY D 111 -5.74 -15.49 -16.84
N GLY D 112 -5.66 -16.26 -15.77
CA GLY D 112 -4.68 -16.03 -14.77
C GLY D 112 -4.60 -17.22 -13.86
N ALA D 113 -3.48 -17.34 -13.15
CA ALA D 113 -3.27 -18.46 -12.26
C ALA D 113 -2.44 -18.04 -11.06
N PHE D 114 -2.54 -18.82 -10.01
CA PHE D 114 -1.78 -18.60 -8.79
C PHE D 114 -1.05 -19.87 -8.43
N PHE D 115 0.14 -19.68 -7.83
CA PHE D 115 1.01 -20.78 -7.51
C PHE D 115 1.56 -20.68 -6.09
N ASP D 116 1.76 -21.85 -5.48
CA ASP D 116 2.61 -21.95 -4.30
C ASP D 116 3.97 -22.52 -4.80
N VAL D 117 5.04 -21.86 -4.35
CA VAL D 117 6.43 -22.31 -4.63
C VAL D 117 7.07 -22.69 -3.29
N ARG D 118 7.48 -23.96 -3.14
CA ARG D 118 7.96 -24.49 -1.80
C ARG D 118 8.92 -25.64 -1.95
N ASP D 119 9.96 -25.60 -1.12
CA ASP D 119 11.12 -26.52 -1.21
C ASP D 119 11.63 -26.70 -2.65
N GLY D 120 11.87 -25.59 -3.36
CA GLY D 120 12.41 -25.63 -4.76
C GLY D 120 11.41 -25.77 -5.95
N GLN D 121 10.14 -26.14 -5.70
CA GLN D 121 9.24 -26.50 -6.82
C GLN D 121 7.86 -25.81 -6.72
N ILE D 122 7.03 -26.03 -7.73
CA ILE D 122 5.60 -25.62 -7.72
C ILE D 122 4.77 -26.71 -7.06
N THR D 123 4.12 -26.32 -5.95
CA THR D 123 3.34 -27.25 -5.16
C THR D 123 1.84 -27.07 -5.34
N ARG D 124 1.44 -25.97 -5.98
CA ARG D 124 0.04 -25.69 -6.32
C ARG D 124 -0.04 -24.86 -7.58
N VAL D 125 -0.94 -25.29 -8.46
CA VAL D 125 -1.32 -24.51 -9.65
C VAL D 125 -2.86 -24.31 -9.62
N THR D 126 -3.35 -23.06 -9.46
CA THR D 126 -4.75 -22.76 -9.39
C THR D 126 -5.11 -21.88 -10.56
N ASN D 127 -5.85 -22.42 -11.53
CA ASN D 127 -6.04 -21.73 -12.80
C ASN D 127 -7.42 -21.11 -12.88
N TYR D 128 -7.53 -19.95 -13.54
CA TYR D 128 -8.79 -19.21 -13.71
C TYR D 128 -8.95 -18.64 -15.10
N TYR D 129 -10.17 -18.67 -15.59
CA TYR D 129 -10.58 -17.90 -16.72
C TYR D 129 -12.07 -17.87 -16.72
N ASN D 130 -12.61 -17.05 -17.62
CA ASN D 130 -14.06 -16.97 -17.80
C ASN D 130 -14.52 -18.09 -18.74
N LEU D 131 -15.07 -19.11 -18.13
CA LEU D 131 -15.47 -20.28 -18.88
C LEU D 131 -16.63 -20.00 -19.76
N GLN D 132 -17.56 -19.13 -19.34
CA GLN D 132 -18.69 -18.79 -20.20
C GLN D 132 -18.21 -18.11 -21.47
N GLU D 133 -17.24 -17.23 -21.35
CA GLU D 133 -16.68 -16.58 -22.51
C GLU D 133 -16.01 -17.58 -23.42
N TRP D 134 -15.29 -18.51 -22.84
CA TRP D 134 -14.52 -19.49 -23.61
C TRP D 134 -15.54 -20.34 -24.41
N ILE D 135 -16.57 -20.81 -23.72
CA ILE D 135 -17.60 -21.61 -24.38
C ILE D 135 -18.21 -20.83 -25.54
N ALA D 136 -18.47 -19.54 -25.33
CA ALA D 136 -19.11 -18.75 -26.35
C ALA D 136 -18.21 -18.70 -27.58
N GLN D 137 -16.91 -18.54 -27.38
CA GLN D 137 -15.98 -18.44 -28.53
C GLN D 137 -15.84 -19.73 -29.30
N VAL D 138 -15.85 -20.87 -28.62
CA VAL D 138 -15.61 -22.16 -29.32
C VAL D 138 -16.91 -22.67 -29.93
N SER D 139 -18.04 -22.11 -29.50
CA SER D 139 -19.37 -22.53 -29.96
C SER D 139 -19.87 -21.70 -31.14
N ARG D 140 -19.02 -20.81 -31.64
CA ARG D 140 -19.32 -19.98 -32.80
C ARG D 140 -19.23 -20.70 -34.12
#